data_7HK3
#
_entry.id   7HK3
#
_cell.length_a   26.043
_cell.length_b   47.183
_cell.length_c   46.417
_cell.angle_alpha   90.000
_cell.angle_beta   103.120
_cell.angle_gamma   90.000
#
_symmetry.space_group_name_H-M   'P 1 21 1'
#
loop_
_entity.id
_entity.type
_entity.pdbx_description
1 polymer 'De novo designed ABLE protein'
2 non-polymer '1-benzofuran-2-carboxylic acid'
3 water water
#
_entity_poly.entity_id   1
_entity_poly.type   'polypeptide(L)'
_entity_poly.pdbx_seq_one_letter_code
;SVKSEYAEAAAVGQEAVAVFNTMKAAFQNGDKEAVAQYLARLASLYTRHEELLNRILEKARREGNKEAVTLMNEFTATFQ
TGKSIFNAMVAAFKNGDDDSFESYLQALEKVTAKGETLADQIAKAL
;
_entity_poly.pdbx_strand_id   A
#
# COMPACT_ATOMS: atom_id res chain seq x y z
N SER A 1 -12.11 18.38 -6.45
N SER A 1 -12.16 18.35 -6.60
CA SER A 1 -13.23 17.50 -6.08
CA SER A 1 -13.26 17.51 -6.07
C SER A 1 -12.70 16.27 -5.37
C SER A 1 -12.71 16.30 -5.33
N VAL A 2 -13.61 15.53 -4.74
CA VAL A 2 -13.20 14.30 -4.08
C VAL A 2 -12.66 13.31 -5.13
N LYS A 3 -13.21 13.35 -6.35
N LYS A 3 -13.19 13.37 -6.35
CA LYS A 3 -12.73 12.46 -7.39
CA LYS A 3 -12.73 12.46 -7.39
C LYS A 3 -11.28 12.76 -7.75
C LYS A 3 -11.29 12.76 -7.78
N SER A 4 -10.93 14.04 -7.88
CA SER A 4 -9.53 14.39 -8.18
C SER A 4 -8.62 14.15 -6.97
N GLU A 5 -9.16 14.28 -5.77
CA GLU A 5 -8.38 13.88 -4.60
C GLU A 5 -8.14 12.38 -4.60
N TYR A 6 -9.09 11.59 -5.08
CA TYR A 6 -8.86 10.15 -5.12
C TYR A 6 -7.81 9.80 -6.19
N ALA A 7 -7.80 10.51 -7.32
CA ALA A 7 -6.78 10.25 -8.34
C ALA A 7 -5.37 10.60 -7.83
N GLU A 8 -5.26 11.66 -7.04
CA GLU A 8 -4.00 12.00 -6.39
C GLU A 8 -3.59 10.90 -5.40
N ALA A 9 -4.54 10.39 -4.62
CA ALA A 9 -4.26 9.30 -3.72
C ALA A 9 -3.87 8.05 -4.49
N ALA A 10 -4.54 7.78 -5.62
CA ALA A 10 -4.18 6.62 -6.43
C ALA A 10 -2.75 6.73 -6.95
N ALA A 11 -2.30 7.94 -7.28
CA ALA A 11 -0.93 8.08 -7.76
C ALA A 11 0.06 7.76 -6.66
N VAL A 12 -0.20 8.23 -5.43
CA VAL A 12 0.67 7.88 -4.30
C VAL A 12 0.71 6.37 -4.12
N GLY A 13 -0.45 5.71 -4.25
CA GLY A 13 -0.46 4.26 -4.21
C GLY A 13 0.44 3.62 -5.26
N GLN A 14 0.40 4.13 -6.50
CA GLN A 14 1.25 3.61 -7.57
C GLN A 14 2.73 3.88 -7.31
N GLU A 15 3.05 4.99 -6.65
CA GLU A 15 4.44 5.23 -6.26
C GLU A 15 4.92 4.16 -5.30
N ALA A 16 4.08 3.79 -4.34
N ALA A 16 4.08 3.78 -4.34
CA ALA A 16 4.48 2.74 -3.42
CA ALA A 16 4.46 2.73 -3.41
C ALA A 16 4.64 1.41 -4.14
C ALA A 16 4.69 1.41 -4.12
N VAL A 17 3.78 1.14 -5.12
N VAL A 17 3.85 1.10 -5.11
CA VAL A 17 3.97 -0.06 -5.94
CA VAL A 17 4.00 -0.17 -5.84
C VAL A 17 5.35 -0.04 -6.59
C VAL A 17 5.31 -0.20 -6.60
N ALA A 18 5.72 1.10 -7.18
N ALA A 18 5.69 0.94 -7.21
CA ALA A 18 7.02 1.17 -7.84
CA ALA A 18 6.93 0.98 -7.96
C ALA A 18 8.15 0.95 -6.85
C ALA A 18 8.14 0.83 -7.07
N VAL A 19 8.12 1.65 -5.72
N VAL A 19 8.16 1.54 -5.94
CA VAL A 19 9.19 1.53 -4.74
CA VAL A 19 9.29 1.45 -5.02
C VAL A 19 9.21 0.10 -4.15
C VAL A 19 9.36 0.06 -4.40
N PHE A 20 8.05 -0.50 -3.97
N PHE A 20 8.20 -0.52 -4.09
CA PHE A 20 7.99 -1.86 -3.44
CA PHE A 20 8.16 -1.88 -3.55
C PHE A 20 8.67 -2.85 -4.37
C PHE A 20 8.80 -2.86 -4.52
N ASN A 21 8.43 -2.75 -5.68
N ASN A 21 8.45 -2.76 -5.80
CA ASN A 21 9.04 -3.70 -6.59
CA ASN A 21 9.10 -3.61 -6.80
C ASN A 21 10.55 -3.50 -6.68
C ASN A 21 10.60 -3.40 -6.81
N THR A 22 11.02 -2.26 -6.61
N THR A 22 11.04 -2.15 -6.66
CA THR A 22 12.46 -2.01 -6.56
CA THR A 22 12.47 -1.88 -6.60
C THR A 22 13.04 -2.59 -5.27
C THR A 22 13.10 -2.43 -5.33
N MET A 23 12.30 -2.47 -4.16
N MET A 23 12.34 -2.43 -4.22
CA MET A 23 12.75 -3.01 -2.88
CA MET A 23 12.86 -2.97 -2.97
C MET A 23 12.83 -4.53 -2.94
C MET A 23 12.93 -4.49 -3.01
N LYS A 24 11.84 -5.18 -3.56
N LYS A 24 11.90 -5.14 -3.55
CA LYS A 24 11.86 -6.63 -3.69
CA LYS A 24 11.91 -6.60 -3.64
C LYS A 24 13.13 -7.08 -4.44
C LYS A 24 13.11 -7.09 -4.44
N ALA A 25 13.47 -6.37 -5.51
CA ALA A 25 14.68 -6.74 -6.25
C ALA A 25 15.93 -6.58 -5.39
N ALA A 26 16.03 -5.48 -4.64
CA ALA A 26 17.16 -5.27 -3.74
C ALA A 26 17.24 -6.35 -2.68
N PHE A 27 16.11 -6.74 -2.10
CA PHE A 27 16.10 -7.82 -1.12
C PHE A 27 16.63 -9.10 -1.73
N GLN A 28 16.12 -9.47 -2.92
CA GLN A 28 16.59 -10.70 -3.55
C GLN A 28 18.10 -10.63 -3.77
N ASN A 29 18.61 -9.45 -4.15
CA ASN A 29 20.03 -9.29 -4.43
C ASN A 29 20.89 -9.17 -3.18
N GLY A 30 20.28 -9.06 -2.00
CA GLY A 30 21.04 -8.94 -0.77
C GLY A 30 21.56 -7.55 -0.46
N ASP A 31 21.03 -6.51 -1.11
CA ASP A 31 21.47 -5.12 -0.95
C ASP A 31 20.67 -4.53 0.20
N LYS A 32 21.08 -4.90 1.43
N LYS A 32 21.10 -4.87 1.43
CA LYS A 32 20.31 -4.54 2.61
CA LYS A 32 20.33 -4.50 2.61
C LYS A 32 20.30 -3.03 2.83
C LYS A 32 20.34 -2.98 2.83
N GLU A 33 21.36 -2.33 2.46
N GLU A 33 21.40 -2.29 2.44
CA GLU A 33 21.37 -0.87 2.62
CA GLU A 33 21.42 -0.84 2.59
C GLU A 33 20.31 -0.22 1.75
C GLU A 33 20.35 -0.18 1.73
N ALA A 34 20.15 -0.70 0.52
CA ALA A 34 19.07 -0.22 -0.32
C ALA A 34 17.73 -0.55 0.30
N VAL A 35 17.55 -1.80 0.72
CA VAL A 35 16.27 -2.20 1.30
C VAL A 35 15.88 -1.27 2.44
N ALA A 36 16.81 -0.99 3.35
CA ALA A 36 16.48 -0.11 4.48
C ALA A 36 15.93 1.24 4.00
N GLN A 37 16.57 1.82 3.00
CA GLN A 37 16.11 3.10 2.48
C GLN A 37 14.74 2.98 1.81
N TYR A 38 14.53 1.92 1.02
CA TYR A 38 13.23 1.75 0.39
C TYR A 38 12.13 1.53 1.41
N LEU A 39 12.42 0.79 2.50
CA LEU A 39 11.41 0.59 3.53
C LEU A 39 11.03 1.91 4.21
N ALA A 40 12.00 2.79 4.45
CA ALA A 40 11.67 4.10 4.99
C ALA A 40 10.83 4.89 4.00
N ARG A 41 11.18 4.82 2.71
N ARG A 41 11.19 4.82 2.71
CA ARG A 41 10.41 5.52 1.69
CA ARG A 41 10.44 5.53 1.68
C ARG A 41 8.97 5.01 1.64
C ARG A 41 9.02 4.98 1.54
N LEU A 42 8.80 3.68 1.70
N LEU A 42 8.86 3.66 1.70
CA LEU A 42 7.47 3.08 1.71
CA LEU A 42 7.54 3.06 1.62
C LEU A 42 6.67 3.48 2.94
C LEU A 42 6.71 3.34 2.87
N ALA A 43 7.30 3.51 4.13
N ALA A 43 7.36 3.51 4.02
CA ALA A 43 6.55 3.91 5.32
CA ALA A 43 6.62 3.83 5.24
C ALA A 43 5.96 5.30 5.13
C ALA A 43 6.00 5.21 5.16
N SER A 44 6.75 6.21 4.59
N SER A 44 6.73 6.18 4.62
CA SER A 44 6.27 7.56 4.34
CA SER A 44 6.19 7.53 4.48
C SER A 44 5.15 7.57 3.31
C SER A 44 5.05 7.56 3.48
N LEU A 45 5.29 6.79 2.24
N LEU A 45 5.20 6.86 2.35
CA LEU A 45 4.26 6.73 1.21
CA LEU A 45 4.12 6.79 1.37
C LEU A 45 2.95 6.16 1.76
C LEU A 45 2.88 6.14 1.97
N TYR A 46 3.03 5.06 2.51
N TYR A 46 3.06 5.05 2.73
CA TYR A 46 1.81 4.49 3.07
CA TYR A 46 1.94 4.44 3.43
C TYR A 46 1.16 5.43 4.07
C TYR A 46 1.25 5.43 4.36
N THR A 47 1.97 6.12 4.88
N THR A 47 2.04 6.23 5.09
CA THR A 47 1.37 7.08 5.81
CA THR A 47 1.45 7.20 6.00
C THR A 47 0.61 8.16 5.05
C THR A 47 0.70 8.28 5.24
N ARG A 48 1.20 8.68 3.97
N ARG A 48 1.32 8.82 4.17
CA ARG A 48 0.52 9.67 3.14
CA ARG A 48 0.67 9.83 3.36
C ARG A 48 -0.74 9.11 2.51
C ARG A 48 -0.61 9.29 2.73
N HIS A 49 -0.64 7.93 1.91
N HIS A 49 -0.56 8.07 2.18
CA HIS A 49 -1.80 7.30 1.27
CA HIS A 49 -1.72 7.50 1.51
C HIS A 49 -2.95 7.14 2.28
C HIS A 49 -2.84 7.20 2.51
N GLU A 50 -2.64 6.64 3.47
N GLU A 50 -2.48 6.68 3.68
CA GLU A 50 -3.65 6.44 4.50
CA GLU A 50 -3.48 6.41 4.72
C GLU A 50 -4.37 7.75 4.83
C GLU A 50 -4.25 7.66 5.09
N GLU A 51 -3.60 8.82 5.03
CA GLU A 51 -4.20 10.10 5.37
C GLU A 51 -5.12 10.59 4.27
N LEU A 52 -4.69 10.47 3.01
CA LEU A 52 -5.51 10.88 1.88
C LEU A 52 -6.78 10.05 1.77
N LEU A 53 -6.68 8.76 2.03
CA LEU A 53 -7.86 7.89 2.00
C LEU A 53 -8.86 8.28 3.09
N ASN A 54 -8.35 8.63 4.28
CA ASN A 54 -9.28 8.99 5.36
C ASN A 54 -10.02 10.28 5.01
N ARG A 55 -9.30 11.24 4.44
CA ARG A 55 -9.96 12.49 4.05
C ARG A 55 -11.02 12.25 2.98
N ILE A 56 -10.75 11.34 2.05
CA ILE A 56 -11.71 11.00 1.01
C ILE A 56 -12.94 10.35 1.62
N LEU A 57 -12.74 9.39 2.53
CA LEU A 57 -13.86 8.73 3.19
C LEU A 57 -14.69 9.72 3.98
N GLU A 58 -14.03 10.59 4.75
CA GLU A 58 -14.77 11.58 5.54
C GLU A 58 -15.57 12.52 4.64
N LYS A 59 -15.00 12.90 3.49
CA LYS A 59 -15.71 13.77 2.56
C LYS A 59 -16.92 13.06 1.95
N ALA A 60 -16.74 11.81 1.54
CA ALA A 60 -17.86 11.04 1.01
C ALA A 60 -18.98 10.94 2.05
N ARG A 61 -18.62 10.76 3.33
CA ARG A 61 -19.61 10.74 4.41
C ARG A 61 -20.33 12.07 4.51
N ARG A 62 -19.59 13.18 4.47
CA ARG A 62 -20.23 14.49 4.59
C ARG A 62 -21.13 14.80 3.39
N GLU A 63 -20.80 14.25 2.22
CA GLU A 63 -21.58 14.38 0.99
C GLU A 63 -22.80 13.46 0.95
N GLY A 64 -22.92 12.54 1.91
CA GLY A 64 -24.00 11.57 1.87
C GLY A 64 -23.90 10.54 0.76
N ASN A 65 -22.70 10.25 0.27
CA ASN A 65 -22.51 9.36 -0.89
C ASN A 65 -22.41 7.94 -0.36
N LYS A 66 -23.57 7.36 -0.06
CA LYS A 66 -23.62 6.09 0.67
C LYS A 66 -22.81 5.01 -0.02
N GLU A 67 -22.96 4.86 -1.34
CA GLU A 67 -22.22 3.79 -1.99
C GLU A 67 -20.72 4.02 -1.89
N ALA A 68 -20.26 5.26 -2.07
CA ALA A 68 -18.84 5.50 -1.96
C ALA A 68 -18.33 5.25 -0.55
N VAL A 69 -19.15 5.58 0.47
CA VAL A 69 -18.77 5.31 1.86
C VAL A 69 -18.63 3.81 2.09
N THR A 70 -19.57 3.02 1.59
CA THR A 70 -19.50 1.56 1.75
C THR A 70 -18.20 1.02 1.15
N LEU A 71 -17.91 1.41 -0.09
CA LEU A 71 -16.73 0.92 -0.76
C LEU A 71 -15.46 1.39 -0.05
N MET A 72 -15.45 2.65 0.40
CA MET A 72 -14.27 3.18 1.07
C MET A 72 -14.08 2.54 2.44
N ASN A 73 -15.17 2.23 3.16
CA ASN A 73 -14.99 1.47 4.40
C ASN A 73 -14.37 0.11 4.13
N GLU A 74 -14.83 -0.59 3.10
CA GLU A 74 -14.21 -1.87 2.77
C GLU A 74 -12.75 -1.68 2.36
N PHE A 75 -12.48 -0.68 1.54
CA PHE A 75 -11.13 -0.48 1.03
C PHE A 75 -10.17 -0.09 2.14
N THR A 76 -10.59 0.81 3.04
CA THR A 76 -9.70 1.22 4.13
C THR A 76 -9.43 0.06 5.09
N ALA A 77 -10.39 -0.84 5.26
CA ALA A 77 -10.14 -2.02 6.07
C ALA A 77 -9.05 -2.89 5.45
N THR A 78 -9.13 -3.13 4.14
CA THR A 78 -8.11 -3.91 3.45
C THR A 78 -6.76 -3.19 3.48
N PHE A 79 -6.78 -1.86 3.38
CA PHE A 79 -5.55 -1.08 3.50
C PHE A 79 -4.85 -1.39 4.83
N GLN A 80 -5.60 -1.48 5.93
CA GLN A 80 -5.00 -1.76 7.22
C GLN A 80 -4.41 -3.16 7.28
N THR A 81 -5.02 -4.14 6.60
CA THR A 81 -4.38 -5.46 6.50
C THR A 81 -3.02 -5.34 5.86
N GLY A 82 -2.93 -4.64 4.73
CA GLY A 82 -1.64 -4.44 4.07
C GLY A 82 -0.67 -3.71 4.99
N LYS A 83 -1.14 -2.69 5.69
N LYS A 83 -1.14 -2.69 5.71
CA LYS A 83 -0.26 -1.94 6.60
CA LYS A 83 -0.26 -1.95 6.60
C LYS A 83 0.28 -2.84 7.71
C LYS A 83 0.29 -2.85 7.70
N SER A 84 -0.56 -3.69 8.29
CA SER A 84 -0.08 -4.59 9.33
C SER A 84 0.96 -5.55 8.77
N ILE A 85 0.74 -6.06 7.57
CA ILE A 85 1.72 -6.97 7.00
C ILE A 85 3.01 -6.23 6.69
N PHE A 86 2.89 -5.00 6.17
CA PHE A 86 4.07 -4.20 5.93
C PHE A 86 4.86 -3.99 7.21
N ASN A 87 4.19 -3.60 8.29
CA ASN A 87 4.90 -3.38 9.54
C ASN A 87 5.59 -4.66 10.00
N ALA A 88 4.94 -5.80 9.82
CA ALA A 88 5.58 -7.06 10.18
C ALA A 88 6.79 -7.34 9.30
N MET A 89 6.73 -6.94 8.03
CA MET A 89 7.87 -7.10 7.13
C MET A 89 9.05 -6.25 7.60
N VAL A 90 8.77 -5.02 8.00
CA VAL A 90 9.79 -4.13 8.51
C VAL A 90 10.45 -4.73 9.76
N ALA A 91 9.63 -5.32 10.63
CA ALA A 91 10.18 -5.94 11.83
C ALA A 91 11.06 -7.14 11.47
N ALA A 92 10.64 -7.93 10.48
CA ALA A 92 11.43 -9.06 10.04
C ALA A 92 12.77 -8.61 9.47
N PHE A 93 12.79 -7.48 8.81
CA PHE A 93 14.05 -6.96 8.30
C PHE A 93 14.96 -6.54 9.44
N LYS A 94 14.42 -5.82 10.42
N LYS A 94 14.42 -5.82 10.43
CA LYS A 94 15.18 -5.42 11.60
CA LYS A 94 15.21 -5.42 11.58
C LYS A 94 15.76 -6.63 12.30
C LYS A 94 15.77 -6.63 12.32
N ASN A 95 14.99 -7.71 12.42
CA ASN A 95 15.41 -8.91 13.13
C ASN A 95 16.31 -9.83 12.33
N GLY A 96 16.51 -9.56 11.04
CA GLY A 96 17.29 -10.45 10.20
C GLY A 96 16.62 -11.76 9.84
N ASP A 97 15.29 -11.80 9.85
CA ASP A 97 14.52 -13.01 9.60
C ASP A 97 14.09 -12.97 8.13
N ASP A 98 14.95 -13.47 7.25
CA ASP A 98 14.64 -13.39 5.82
C ASP A 98 13.49 -14.29 5.46
N ASP A 99 13.30 -15.40 6.18
CA ASP A 99 12.17 -16.27 5.91
C ASP A 99 10.85 -15.54 6.17
N SER A 100 10.74 -14.87 7.32
CA SER A 100 9.53 -14.11 7.58
C SER A 100 9.40 -12.95 6.61
N PHE A 101 10.52 -12.32 6.23
CA PHE A 101 10.46 -11.20 5.30
C PHE A 101 9.85 -11.65 3.97
N GLU A 102 10.35 -12.78 3.44
CA GLU A 102 9.80 -13.36 2.21
C GLU A 102 8.32 -13.64 2.35
N SER A 103 7.91 -14.28 3.44
N SER A 103 7.91 -14.23 3.47
CA SER A 103 6.51 -14.61 3.67
CA SER A 103 6.51 -14.58 3.69
C SER A 103 5.65 -13.35 3.60
C SER A 103 5.63 -13.35 3.77
N TYR A 104 6.00 -12.34 4.40
N TYR A 104 6.00 -12.40 4.62
CA TYR A 104 5.21 -11.11 4.45
CA TYR A 104 5.22 -11.17 4.74
C TYR A 104 5.21 -10.39 3.10
C TYR A 104 5.18 -10.41 3.42
N LEU A 105 6.31 -10.45 2.36
N LEU A 105 6.29 -10.44 2.67
CA LEU A 105 6.38 -9.76 1.07
CA LEU A 105 6.30 -9.78 1.37
C LEU A 105 5.35 -10.32 0.10
C LEU A 105 5.37 -10.49 0.39
N GLN A 106 5.30 -11.66 -0.03
N GLN A 106 5.32 -11.83 0.44
CA GLN A 106 4.31 -12.30 -0.88
CA GLN A 106 4.42 -12.57 -0.42
C GLN A 106 2.90 -12.01 -0.42
C GLN A 106 2.96 -12.30 -0.06
N ALA A 107 2.68 -12.00 0.89
N ALA A 107 2.63 -12.35 1.23
CA ALA A 107 1.34 -11.72 1.42
CA ALA A 107 1.27 -12.06 1.64
C ALA A 107 0.91 -10.30 1.06
C ALA A 107 0.87 -10.63 1.31
N LEU A 108 1.83 -9.35 1.17
N LEU A 108 1.83 -9.70 1.38
CA LEU A 108 1.50 -7.96 0.84
CA LEU A 108 1.54 -8.31 1.03
C LEU A 108 1.18 -7.82 -0.64
C LEU A 108 1.16 -8.18 -0.43
N GLU A 109 1.87 -8.59 -1.48
N GLU A 109 1.82 -8.94 -1.31
CA GLU A 109 1.56 -8.57 -2.91
CA GLU A 109 1.52 -8.87 -2.74
C GLU A 109 0.16 -9.11 -3.19
C GLU A 109 0.13 -9.42 -3.04
N LYS A 110 -0.23 -10.19 -2.51
N LYS A 110 -0.30 -10.45 -2.31
CA LYS A 110 -1.53 -10.78 -2.77
CA LYS A 110 -1.62 -11.03 -2.57
C LYS A 110 -2.65 -9.92 -2.21
C LYS A 110 -2.72 -10.11 -2.09
N VAL A 111 -2.47 -9.36 -1.01
N VAL A 111 -2.62 -9.58 -0.88
CA VAL A 111 -3.47 -8.46 -0.45
CA VAL A 111 -3.65 -8.70 -0.36
C VAL A 111 -3.68 -7.26 -1.37
C VAL A 111 -3.76 -7.44 -1.21
N THR A 112 -2.60 -6.76 -1.97
N THR A 112 -2.63 -6.89 -1.63
CA THR A 112 -2.68 -5.59 -2.83
CA THR A 112 -2.64 -5.65 -2.42
C THR A 112 -3.35 -5.91 -4.15
C THR A 112 -3.24 -5.87 -3.80
N ALA A 113 -3.00 -7.05 -4.75
N ALA A 113 -2.89 -6.98 -4.46
CA ALA A 113 -3.63 -7.43 -6.02
CA ALA A 113 -3.41 -7.24 -5.80
C ALA A 113 -5.12 -7.68 -5.84
C ALA A 113 -4.92 -7.47 -5.78
N LYS A 114 -5.52 -8.25 -4.70
N LYS A 114 -5.45 -8.00 -4.68
CA LYS A 114 -6.94 -8.51 -4.47
CA LYS A 114 -6.88 -8.27 -4.59
C LYS A 114 -7.74 -7.23 -4.40
C LYS A 114 -7.72 -7.02 -4.40
N GLY A 115 -7.17 -6.19 -3.78
N GLY A 115 -7.10 -5.90 -4.02
CA GLY A 115 -7.89 -4.95 -3.58
CA GLY A 115 -7.81 -4.65 -3.85
C GLY A 115 -7.98 -4.04 -4.79
C GLY A 115 -7.87 -3.78 -5.10
N GLU A 116 -7.57 -4.48 -5.98
N GLU A 116 -7.39 -4.30 -6.24
CA GLU A 116 -7.47 -3.56 -7.10
CA GLU A 116 -7.35 -3.48 -7.45
C GLU A 116 -8.81 -3.33 -7.78
C GLU A 116 -8.76 -3.24 -8.01
N THR A 117 -9.64 -4.36 -7.89
N THR A 117 -9.61 -4.27 -7.97
CA THR A 117 -10.95 -4.13 -8.49
CA THR A 117 -10.96 -4.11 -8.50
C THR A 117 -11.76 -3.14 -7.66
C THR A 117 -11.78 -3.13 -7.66
N LEU A 118 -11.69 -3.25 -6.33
CA LEU A 118 -12.37 -2.29 -5.46
C LEU A 118 -11.80 -0.89 -5.63
N ALA A 119 -10.47 -0.77 -5.72
N ALA A 119 -10.47 -0.77 -5.77
CA ALA A 119 -9.85 0.52 -5.95
CA ALA A 119 -9.88 0.53 -5.97
C ALA A 119 -10.43 1.20 -7.19
C ALA A 119 -10.43 1.21 -7.22
N ASP A 120 -10.60 0.43 -8.27
N ASP A 120 -10.62 0.44 -8.30
CA ASP A 120 -11.18 1.00 -9.48
CA ASP A 120 -11.20 1.00 -9.51
C ASP A 120 -12.65 1.35 -9.28
C ASP A 120 -12.68 1.32 -9.33
N GLN A 121 -13.39 0.52 -8.52
CA GLN A 121 -14.80 0.81 -8.25
C GLN A 121 -14.97 2.14 -7.54
N ILE A 122 -14.04 2.47 -6.65
CA ILE A 122 -14.18 3.70 -5.87
C ILE A 122 -14.01 4.91 -6.78
N ALA A 123 -13.07 4.86 -7.71
CA ALA A 123 -12.90 5.99 -8.61
C ALA A 123 -14.19 6.30 -9.35
N LYS A 124 -14.92 5.26 -9.76
N LYS A 124 -14.91 5.26 -9.77
CA LYS A 124 -16.16 5.46 -10.49
CA LYS A 124 -16.16 5.47 -10.49
C LYS A 124 -17.28 5.95 -9.57
C LYS A 124 -17.29 5.91 -9.58
N ALA A 125 -17.21 5.60 -8.28
CA ALA A 125 -18.29 5.90 -7.37
C ALA A 125 -18.25 7.33 -6.83
N LEU A 126 -17.10 7.96 -6.77
CA LEU A 126 -17.00 9.24 -6.07
C LEU A 126 -17.62 10.37 -6.85
#